data_3AWK
#
_entry.id   3AWK
#
_cell.length_a   73.3
_cell.length_b   85.0
_cell.length_c   137.7
_cell.angle_alpha   90
_cell.angle_beta   90
_cell.angle_gamma   90
#
_symmetry.space_group_name_H-M   'I 21 21 21'
#
loop_
_entity.id
_entity.type
_entity.pdbx_description
1 polymer 'Chalcone synthase-like polyketide synthase'
2 non-polymer GLYCEROL
3 non-polymer 'SULFATE ION'
4 water water
#
_entity_poly.entity_id   1
_entity_poly.type   'polypeptide(L)'
_entity_poly.pdbx_seq_one_letter_code
;GPGMTIKGSGSAAFEGTRLCPRVIKPDGPATILAIGTSNPTNIFEQSTYPDFFFDVTNCNDKTELKKKFQRICDKSGIKK
RHFHLTDEILRKNPSICKFKEASLDPRQDIAVLEVPKLAKEAAISAIKQWGQPKSKITHLVFATTSGVDMPGADFQLAKL
LGLRPTVKRVMLYQQG(CSD)YAGATVLRVAKDLAENNKGARVLVACSEVTAVTFRAPSETHLDGLVGSALFGDGAAALI
VGSDPVPQEEKPLFEIHWAGEAVLPDSDGAINGHLREAGLIFHLLKDVPGLISKNIDKVLAEPLEYVHFPSYNDMFWAVH
PGGPAILDQIEAKLGLSTDKMQASRDVLASYGNMSSASVLFVLDQIRKNSEELHLPTTGEGFEWGFVIGFGPGLTVETLL
LRSINI
;
_entity_poly.pdbx_strand_id   A
#
# COMPACT_ATOMS: atom_id res chain seq x y z
N VAL A 23 -1.58 -28.38 -23.11
CA VAL A 23 -1.09 -27.52 -21.99
C VAL A 23 -2.01 -27.58 -20.76
N ILE A 24 -1.43 -28.00 -19.64
CA ILE A 24 -2.17 -28.12 -18.38
C ILE A 24 -2.12 -26.81 -17.59
N LYS A 25 -3.30 -26.23 -17.39
CA LYS A 25 -3.48 -24.98 -16.67
C LYS A 25 -4.05 -25.31 -15.29
N PRO A 26 -3.73 -24.52 -14.24
CA PRO A 26 -4.29 -24.84 -12.91
C PRO A 26 -5.79 -24.59 -12.82
N ASP A 27 -6.45 -25.38 -11.97
CA ASP A 27 -7.90 -25.33 -11.80
C ASP A 27 -8.49 -24.24 -10.92
N GLY A 28 -7.90 -24.05 -9.74
CA GLY A 28 -8.40 -23.08 -8.79
C GLY A 28 -8.00 -21.63 -8.92
N PRO A 29 -8.67 -20.72 -8.18
CA PRO A 29 -8.37 -19.28 -8.22
C PRO A 29 -7.04 -18.95 -7.54
N ALA A 30 -6.46 -17.81 -7.92
CA ALA A 30 -5.21 -17.33 -7.34
C ALA A 30 -5.46 -17.14 -5.85
N THR A 31 -4.64 -17.80 -5.04
CA THR A 31 -4.80 -17.74 -3.59
C THR A 31 -3.58 -17.17 -2.87
N ILE A 32 -3.84 -16.30 -1.90
CA ILE A 32 -2.80 -15.70 -1.07
C ILE A 32 -2.44 -16.79 -0.04
N LEU A 33 -1.19 -17.24 -0.11
CA LEU A 33 -0.67 -18.31 0.74
C LEU A 33 0.13 -17.87 1.96
N ALA A 34 0.47 -16.57 2.00
CA ALA A 34 1.22 -15.98 3.11
C ALA A 34 1.32 -14.48 2.92
N ILE A 35 1.39 -13.75 4.03
CA ILE A 35 1.55 -12.29 4.02
C ILE A 35 2.63 -11.97 5.05
N GLY A 36 3.59 -11.16 4.64
CA GLY A 36 4.68 -10.73 5.51
C GLY A 36 4.80 -9.23 5.38
N THR A 37 5.05 -8.55 6.50
CA THR A 37 5.19 -7.09 6.51
C THR A 37 6.45 -6.62 7.22
N SER A 38 6.89 -5.41 6.86
CA SER A 38 8.07 -4.78 7.44
C SER A 38 7.93 -3.27 7.42
N ASN A 39 8.65 -2.61 8.33
CA ASN A 39 8.67 -1.15 8.46
C ASN A 39 10.04 -0.79 9.04
N PRO A 40 10.55 0.43 8.76
CA PRO A 40 11.86 0.82 9.31
C PRO A 40 11.71 0.94 10.84
N THR A 41 12.81 0.78 11.56
CA THR A 41 12.80 0.80 13.03
C THR A 41 12.62 2.15 13.73
N ASN A 42 12.81 3.24 13.01
CA ASN A 42 12.67 4.58 13.59
C ASN A 42 11.20 5.00 13.64
N ILE A 43 10.67 5.04 14.86
CA ILE A 43 9.28 5.41 15.10
C ILE A 43 9.13 6.91 15.41
N PHE A 44 8.22 7.55 14.69
CA PHE A 44 7.93 8.97 14.85
C PHE A 44 6.47 9.14 15.25
N GLU A 45 6.27 9.60 16.49
CA GLU A 45 4.93 9.83 17.04
C GLU A 45 4.30 10.99 16.27
N GLN A 46 3.03 10.85 15.89
CA GLN A 46 2.35 11.89 15.14
C GLN A 46 2.06 13.15 15.94
N SER A 47 1.88 12.97 17.25
CA SER A 47 1.61 14.06 18.19
C SER A 47 2.71 15.12 18.16
N THR A 48 3.95 14.65 18.15
CA THR A 48 5.12 15.51 18.12
C THR A 48 5.85 15.55 16.78
N TYR A 49 5.22 15.02 15.72
CA TYR A 49 5.84 15.05 14.38
C TYR A 49 6.08 16.50 13.89
N PRO A 50 5.14 17.47 14.14
CA PRO A 50 5.39 18.84 13.69
C PRO A 50 6.66 19.47 14.27
N ASP A 51 6.99 19.09 15.52
CA ASP A 51 8.20 19.56 16.21
C ASP A 51 9.44 19.12 15.47
N PHE A 52 9.49 17.83 15.15
CA PHE A 52 10.60 17.22 14.42
C PHE A 52 10.67 17.77 12.98
N PHE A 53 9.53 17.74 12.30
CA PHE A 53 9.41 18.17 10.91
C PHE A 53 9.86 19.61 10.62
N PHE A 54 9.38 20.55 11.43
CA PHE A 54 9.76 21.95 11.26
C PHE A 54 11.18 22.26 11.71
N ASP A 55 11.75 21.36 12.52
CA ASP A 55 13.11 21.50 13.01
C ASP A 55 14.13 21.04 11.97
N VAL A 56 13.90 19.88 11.35
CA VAL A 56 14.82 19.35 10.33
C VAL A 56 14.80 20.10 9.01
N THR A 57 13.70 20.79 8.74
CA THR A 57 13.56 21.56 7.51
C THR A 57 13.89 23.03 7.74
N ASN A 58 14.34 23.33 8.96
CA ASN A 58 14.74 24.67 9.42
C ASN A 58 13.65 25.73 9.24
N CYS A 59 12.41 25.32 9.54
CA CYS A 59 11.24 26.17 9.41
C CYS A 59 10.58 26.50 10.76
N ASN A 60 11.39 26.50 11.82
CA ASN A 60 10.92 26.80 13.19
C ASN A 60 10.31 28.19 13.32
N ASP A 61 10.74 29.10 12.44
CA ASP A 61 10.28 30.49 12.40
C ASP A 61 8.90 30.64 11.75
N LYS A 62 8.42 29.59 11.08
CA LYS A 62 7.11 29.58 10.43
C LYS A 62 6.09 29.00 11.43
N THR A 63 5.83 29.78 12.49
CA THR A 63 4.93 29.41 13.59
C THR A 63 3.47 29.19 13.20
N GLU A 64 2.99 29.97 12.23
CA GLU A 64 1.62 29.88 11.74
C GLU A 64 1.38 28.62 10.92
N LEU A 65 2.38 28.25 10.13
CA LEU A 65 2.33 27.07 9.29
C LEU A 65 2.41 25.82 10.16
N LYS A 66 3.12 25.92 11.29
CA LYS A 66 3.28 24.83 12.25
C LYS A 66 1.96 24.49 12.93
N LYS A 67 1.14 25.51 13.21
CA LYS A 67 -0.17 25.35 13.84
C LYS A 67 -1.11 24.63 12.87
N LYS A 68 -1.03 25.00 11.59
CA LYS A 68 -1.84 24.39 10.52
C LYS A 68 -1.44 22.94 10.30
N PHE A 69 -0.13 22.68 10.37
CA PHE A 69 0.39 21.33 10.21
C PHE A 69 0.08 20.45 11.41
N GLN A 70 0.02 21.06 12.60
CA GLN A 70 -0.30 20.35 13.85
C GLN A 70 -1.75 19.90 13.79
N ARG A 71 -2.62 20.76 13.26
CA ARG A 71 -4.05 20.49 13.10
C ARG A 71 -4.29 19.36 12.09
N ILE A 72 -3.49 19.34 11.01
CA ILE A 72 -3.59 18.30 9.99
C ILE A 72 -3.12 16.95 10.57
N CYS A 73 -2.04 16.97 11.36
CA CYS A 73 -1.50 15.78 12.01
C CYS A 73 -2.44 15.21 13.09
N ASP A 74 -3.07 16.10 13.86
CA ASP A 74 -4.01 15.72 14.92
C ASP A 74 -5.32 15.12 14.39
N LYS A 75 -5.67 15.51 13.16
CA LYS A 75 -6.91 15.04 12.51
C LYS A 75 -6.65 13.99 11.42
N SER A 76 -5.39 13.60 11.23
CA SER A 76 -5.00 12.62 10.21
C SER A 76 -5.37 11.17 10.51
N GLY A 77 -5.73 10.89 11.76
CA GLY A 77 -6.10 9.54 12.16
C GLY A 77 -4.88 8.64 12.32
N ILE A 78 -3.70 9.26 12.30
CA ILE A 78 -2.42 8.58 12.43
C ILE A 78 -1.85 8.88 13.80
N LYS A 79 -1.36 7.83 14.47
CA LYS A 79 -0.77 7.96 15.80
C LYS A 79 0.76 7.88 15.75
N LYS A 80 1.26 7.07 14.83
CA LYS A 80 2.71 6.90 14.62
C LYS A 80 2.99 6.46 13.18
N ARG A 81 4.21 6.74 12.74
CA ARG A 81 4.69 6.35 11.42
C ARG A 81 6.12 5.91 11.57
N HIS A 82 6.53 4.97 10.71
CA HIS A 82 7.88 4.45 10.71
C HIS A 82 8.58 5.05 9.51
N PHE A 83 9.78 5.59 9.73
CA PHE A 83 10.55 6.23 8.66
C PHE A 83 11.99 5.81 8.60
N HIS A 84 12.51 5.68 7.37
CA HIS A 84 13.92 5.39 7.18
C HIS A 84 14.65 6.71 7.46
N LEU A 85 14.08 7.80 6.94
CA LEU A 85 14.64 9.14 7.12
C LEU A 85 14.64 9.53 8.59
N THR A 86 15.80 10.01 9.03
CA THR A 86 16.02 10.45 10.41
C THR A 86 16.62 11.84 10.36
N ASP A 87 16.87 12.42 11.55
CA ASP A 87 17.49 13.74 11.69
C ASP A 87 18.90 13.69 11.08
N GLU A 88 19.61 12.61 11.36
CA GLU A 88 20.98 12.38 10.88
C GLU A 88 21.08 12.25 9.35
N ILE A 89 20.21 11.43 8.75
CA ILE A 89 20.20 11.22 7.29
C ILE A 89 19.84 12.50 6.55
N LEU A 90 18.89 13.27 7.10
CA LEU A 90 18.46 14.54 6.51
C LEU A 90 19.53 15.64 6.65
N ARG A 91 20.36 15.51 7.69
CA ARG A 91 21.46 16.45 7.96
C ARG A 91 22.59 16.21 6.95
N LYS A 92 22.79 14.94 6.58
CA LYS A 92 23.81 14.52 5.62
C LYS A 92 23.37 14.74 4.17
N ASN A 93 22.08 15.00 3.98
CA ASN A 93 21.48 15.26 2.66
C ASN A 93 20.60 16.52 2.83
N PRO A 94 21.21 17.72 2.99
CA PRO A 94 20.47 18.97 3.18
C PRO A 94 19.50 19.45 2.09
N SER A 95 19.71 19.01 0.85
CA SER A 95 18.84 19.43 -0.26
C SER A 95 17.41 18.86 -0.17
N ILE A 96 17.26 17.73 0.54
CA ILE A 96 15.96 17.07 0.74
C ILE A 96 15.07 17.91 1.68
N CYS A 97 15.72 18.75 2.49
CA CYS A 97 15.03 19.63 3.44
C CYS A 97 14.68 20.99 2.82
N LYS A 98 15.05 21.17 1.55
CA LYS A 98 14.77 22.41 0.81
C LYS A 98 13.55 22.14 -0.07
N PHE A 99 12.66 23.13 -0.17
CA PHE A 99 11.41 23.02 -0.93
C PHE A 99 11.49 22.70 -2.42
N LYS A 100 12.23 23.51 -3.18
CA LYS A 100 12.31 23.33 -4.63
C LYS A 100 13.71 23.16 -5.23
N GLU A 101 14.72 23.13 -4.36
CA GLU A 101 16.12 22.96 -4.78
C GLU A 101 16.33 21.55 -5.34
N ALA A 102 17.28 21.40 -6.27
CA ALA A 102 17.62 20.13 -6.90
C ALA A 102 17.98 19.09 -5.84
N SER A 103 17.11 18.10 -5.69
CA SER A 103 17.28 17.07 -4.68
C SER A 103 16.95 15.65 -5.08
N LEU A 104 16.65 15.39 -6.36
CA LEU A 104 16.30 14.04 -6.80
C LEU A 104 17.42 13.02 -6.58
N ASP A 105 18.67 13.43 -6.82
CA ASP A 105 19.84 12.56 -6.66
C ASP A 105 20.02 11.94 -5.26
N PRO A 106 20.05 12.76 -4.17
CA PRO A 106 20.22 12.09 -2.87
C PRO A 106 18.98 11.30 -2.43
N ARG A 107 17.80 11.68 -2.94
CA ARG A 107 16.53 10.99 -2.64
C ARG A 107 16.55 9.60 -3.27
N GLN A 108 17.02 9.54 -4.51
CA GLN A 108 17.15 8.28 -5.27
C GLN A 108 18.19 7.37 -4.63
N ASP A 109 19.34 7.94 -4.28
CA ASP A 109 20.44 7.20 -3.63
C ASP A 109 19.94 6.43 -2.40
N ILE A 110 19.04 7.08 -1.66
CA ILE A 110 18.43 6.50 -0.46
C ILE A 110 17.36 5.48 -0.85
N ALA A 111 16.40 5.91 -1.69
CA ALA A 111 15.27 5.08 -2.13
C ALA A 111 15.62 3.79 -2.87
N VAL A 112 16.53 3.88 -3.83
CA VAL A 112 16.98 2.73 -4.65
C VAL A 112 17.56 1.57 -3.80
N LEU A 113 18.22 1.94 -2.71
CA LEU A 113 18.83 0.97 -1.81
C LEU A 113 17.87 0.47 -0.73
N GLU A 114 17.09 1.38 -0.16
CA GLU A 114 16.17 1.04 0.91
C GLU A 114 14.85 0.37 0.58
N VAL A 115 14.34 0.62 -0.63
CA VAL A 115 13.09 0.01 -1.08
C VAL A 115 13.20 -1.53 -1.18
N PRO A 116 14.23 -2.09 -1.86
CA PRO A 116 14.28 -3.56 -1.92
C PRO A 116 14.76 -4.21 -0.62
N LYS A 117 15.49 -3.44 0.19
CA LYS A 117 16.01 -3.91 1.49
C LYS A 117 14.84 -4.10 2.45
N LEU A 118 13.90 -3.16 2.43
CA LEU A 118 12.71 -3.21 3.26
C LEU A 118 11.79 -4.32 2.77
N ALA A 119 11.73 -4.49 1.45
CA ALA A 119 10.91 -5.52 0.82
C ALA A 119 11.44 -6.90 1.14
N LYS A 120 12.78 -7.00 1.29
CA LYS A 120 13.48 -8.25 1.63
C LYS A 120 13.01 -8.80 2.97
N GLU A 121 12.88 -7.92 3.96
CA GLU A 121 12.44 -8.29 5.31
C GLU A 121 10.99 -8.76 5.29
N ALA A 122 10.17 -8.10 4.48
CA ALA A 122 8.76 -8.46 4.33
C ALA A 122 8.65 -9.81 3.60
N ALA A 123 9.48 -9.98 2.58
CA ALA A 123 9.53 -11.21 1.77
C ALA A 123 10.01 -12.41 2.56
N ILE A 124 11.05 -12.22 3.39
CA ILE A 124 11.60 -13.27 4.25
C ILE A 124 10.51 -13.77 5.20
N SER A 125 9.74 -12.81 5.75
CA SER A 125 8.64 -13.12 6.67
C SER A 125 7.50 -13.85 5.94
N ALA A 126 7.27 -13.48 4.69
CA ALA A 126 6.23 -14.09 3.86
C ALA A 126 6.62 -15.52 3.47
N ILE A 127 7.89 -15.70 3.06
CA ILE A 127 8.43 -17.01 2.66
C ILE A 127 8.46 -17.98 3.86
N LYS A 128 8.78 -17.45 5.04
CA LYS A 128 8.84 -18.23 6.29
C LYS A 128 7.46 -18.76 6.67
N GLN A 129 6.45 -17.89 6.54
CA GLN A 129 5.04 -18.22 6.86
C GLN A 129 4.47 -19.24 5.86
N TRP A 130 4.97 -19.15 4.62
CA TRP A 130 4.57 -20.03 3.51
C TRP A 130 5.11 -21.45 3.76
N GLY A 131 6.31 -21.54 4.32
CA GLY A 131 6.93 -22.82 4.64
C GLY A 131 7.63 -23.57 3.54
N GLN A 132 7.49 -23.09 2.31
CA GLN A 132 8.11 -23.72 1.14
C GLN A 132 9.41 -23.00 0.76
N PRO A 133 10.38 -23.71 0.12
CA PRO A 133 11.64 -23.04 -0.26
C PRO A 133 11.47 -21.94 -1.31
N LYS A 134 12.33 -20.92 -1.22
CA LYS A 134 12.32 -19.77 -2.14
C LYS A 134 12.61 -20.11 -3.59
N SER A 135 13.11 -21.33 -3.83
CA SER A 135 13.43 -21.84 -5.16
C SER A 135 12.15 -22.14 -5.95
N LYS A 136 11.04 -22.29 -5.23
CA LYS A 136 9.73 -22.56 -5.84
C LYS A 136 9.00 -21.30 -6.33
N ILE A 137 9.59 -20.13 -6.05
CA ILE A 137 9.04 -18.84 -6.50
C ILE A 137 9.40 -18.72 -7.99
N THR A 138 8.38 -18.69 -8.82
CA THR A 138 8.53 -18.60 -10.27
C THR A 138 8.35 -17.18 -10.81
N HIS A 139 7.56 -16.39 -10.09
CA HIS A 139 7.27 -15.01 -10.49
C HIS A 139 7.47 -14.01 -9.36
N LEU A 140 7.73 -12.76 -9.74
CA LEU A 140 7.92 -11.67 -8.79
C LEU A 140 7.26 -10.40 -9.30
N VAL A 141 6.29 -9.90 -8.53
CA VAL A 141 5.61 -8.66 -8.88
C VAL A 141 6.01 -7.67 -7.80
N PHE A 142 6.61 -6.56 -8.23
CA PHE A 142 7.07 -5.53 -7.31
C PHE A 142 6.47 -4.19 -7.65
N ALA A 143 6.00 -3.49 -6.62
CA ALA A 143 5.45 -2.16 -6.78
C ALA A 143 6.03 -1.16 -5.81
N THR A 144 6.42 -0.01 -6.37
CA THR A 144 6.92 1.09 -5.58
C THR A 144 6.77 2.41 -6.32
N THR A 145 6.58 3.47 -5.53
CA THR A 145 6.45 4.82 -6.05
C THR A 145 7.60 5.63 -5.41
N SER A 146 8.43 4.91 -4.67
CA SER A 146 9.56 5.49 -3.98
C SER A 146 10.82 5.36 -4.80
N GLY A 147 10.94 6.22 -5.79
CA GLY A 147 12.11 6.23 -6.66
C GLY A 147 12.09 5.22 -7.77
N VAL A 148 12.92 5.45 -8.79
N VAL A 148 12.97 5.43 -8.74
CA VAL A 148 13.05 4.57 -9.96
CA VAL A 148 13.07 4.57 -9.91
C VAL A 148 14.53 4.29 -10.25
C VAL A 148 14.54 4.30 -10.26
N ASP A 149 14.82 3.09 -10.75
CA ASP A 149 16.18 2.68 -11.11
C ASP A 149 16.18 1.52 -12.10
N MET A 150 17.30 1.36 -12.82
CA MET A 150 17.51 0.31 -13.81
C MET A 150 18.88 -0.33 -13.48
N PRO A 151 18.91 -1.63 -13.07
CA PRO A 151 17.83 -2.61 -12.86
C PRO A 151 16.89 -2.20 -11.74
N GLY A 152 15.62 -2.57 -11.91
CA GLY A 152 14.60 -2.20 -10.94
C GLY A 152 14.66 -2.85 -9.58
N ALA A 153 13.76 -2.41 -8.70
CA ALA A 153 13.66 -2.93 -7.34
C ALA A 153 13.28 -4.42 -7.32
N ASP A 154 12.69 -4.88 -8.42
CA ASP A 154 12.30 -6.29 -8.60
C ASP A 154 13.55 -7.16 -8.73
N PHE A 155 14.51 -6.70 -9.54
CA PHE A 155 15.78 -7.38 -9.73
C PHE A 155 16.53 -7.37 -8.40
N GLN A 156 16.56 -6.20 -7.77
CA GLN A 156 17.28 -6.01 -6.51
C GLN A 156 16.73 -6.87 -5.38
N LEU A 157 15.42 -7.14 -5.40
CA LEU A 157 14.78 -7.98 -4.39
C LEU A 157 15.13 -9.44 -4.70
N ALA A 158 15.08 -9.80 -5.99
CA ALA A 158 15.40 -11.15 -6.46
C ALA A 158 16.85 -11.52 -6.11
N LYS A 159 17.74 -10.54 -6.28
CA LYS A 159 19.17 -10.70 -5.99
C LYS A 159 19.41 -10.87 -4.48
N LEU A 160 18.77 -10.02 -3.67
CA LEU A 160 18.91 -10.06 -2.21
C LEU A 160 18.37 -11.36 -1.59
N LEU A 161 17.29 -11.89 -2.17
CA LEU A 161 16.67 -13.13 -1.70
C LEU A 161 17.31 -14.37 -2.32
N GLY A 162 18.05 -14.19 -3.40
CA GLY A 162 18.70 -15.30 -4.08
C GLY A 162 17.70 -16.20 -4.78
N LEU A 163 16.68 -15.59 -5.39
CA LEU A 163 15.66 -16.34 -6.14
C LEU A 163 16.29 -16.87 -7.41
N ARG A 164 15.59 -17.78 -8.10
CA ARG A 164 16.09 -18.38 -9.35
C ARG A 164 16.38 -17.25 -10.37
N PRO A 165 17.50 -17.33 -11.12
CA PRO A 165 17.81 -16.27 -12.10
C PRO A 165 16.79 -16.13 -13.23
N THR A 166 15.91 -17.12 -13.31
CA THR A 166 14.85 -17.18 -14.31
C THR A 166 13.47 -16.72 -13.80
N VAL A 167 13.46 -16.07 -12.63
CA VAL A 167 12.21 -15.56 -12.04
C VAL A 167 11.57 -14.53 -12.99
N LYS A 168 10.28 -14.73 -13.29
CA LYS A 168 9.54 -13.85 -14.18
C LYS A 168 9.07 -12.64 -13.39
N ARG A 169 9.58 -11.48 -13.79
CA ARG A 169 9.32 -10.25 -13.09
C ARG A 169 8.39 -9.23 -13.74
N VAL A 170 7.58 -8.58 -12.90
CA VAL A 170 6.66 -7.53 -13.33
C VAL A 170 6.96 -6.37 -12.38
N MET A 171 7.65 -5.38 -12.90
CA MET A 171 8.04 -4.21 -12.12
C MET A 171 7.09 -3.04 -12.33
N LEU A 172 6.33 -2.71 -11.29
CA LEU A 172 5.35 -1.63 -11.32
C LEU A 172 5.85 -0.37 -10.61
N TYR A 173 6.46 0.51 -11.39
CA TYR A 173 6.99 1.77 -10.88
C TYR A 173 5.99 2.90 -11.00
N GLN A 174 6.02 3.79 -10.00
CA GLN A 174 5.19 5.00 -9.90
C GLN A 174 3.67 4.88 -10.14
N GLN A 175 3.08 3.82 -9.60
CA GLN A 175 1.64 3.60 -9.75
C GLN A 175 0.83 4.09 -8.55
N GLY A 176 1.52 4.71 -7.60
CA GLY A 176 0.87 5.27 -6.43
C GLY A 176 0.18 4.32 -5.48
N TYR A 178 -2.74 2.80 -5.60
CA TYR A 178 -3.60 1.71 -6.06
C TYR A 178 -2.78 0.46 -6.38
N ALA A 179 -1.46 0.60 -6.31
CA ALA A 179 -0.52 -0.46 -6.64
C ALA A 179 -0.57 -1.73 -5.79
N GLY A 180 -1.09 -1.62 -4.57
CA GLY A 180 -1.23 -2.79 -3.69
C GLY A 180 -2.30 -3.69 -4.26
N ALA A 181 -3.27 -3.06 -4.92
CA ALA A 181 -4.34 -3.78 -5.58
C ALA A 181 -3.87 -4.26 -6.96
N THR A 182 -3.05 -3.46 -7.64
CA THR A 182 -2.51 -3.79 -8.97
C THR A 182 -1.63 -5.04 -8.95
N VAL A 183 -0.76 -5.15 -7.93
CA VAL A 183 0.13 -6.31 -7.79
C VAL A 183 -0.61 -7.63 -7.65
N LEU A 184 -1.75 -7.58 -6.96
CA LEU A 184 -2.62 -8.73 -6.77
C LEU A 184 -3.38 -9.04 -8.05
N ARG A 185 -3.72 -8.01 -8.81
CA ARG A 185 -4.43 -8.17 -10.09
C ARG A 185 -3.48 -8.85 -11.09
N VAL A 186 -2.20 -8.45 -11.04
CA VAL A 186 -1.17 -9.02 -11.92
C VAL A 186 -0.87 -10.47 -11.49
N ALA A 187 -0.71 -10.67 -10.18
CA ALA A 187 -0.42 -11.98 -9.59
C ALA A 187 -1.54 -12.98 -9.88
N LYS A 188 -2.76 -12.47 -10.00
CA LYS A 188 -3.95 -13.28 -10.29
C LYS A 188 -3.78 -14.03 -11.60
N ASP A 189 -3.47 -13.29 -12.66
CA ASP A 189 -3.27 -13.86 -13.99
C ASP A 189 -2.01 -14.69 -14.13
N LEU A 190 -0.94 -14.31 -13.43
CA LEU A 190 0.32 -15.06 -13.49
C LEU A 190 0.18 -16.42 -12.79
N ALA A 191 -0.54 -16.42 -11.65
CA ALA A 191 -0.77 -17.63 -10.86
C ALA A 191 -1.77 -18.58 -11.53
N GLU A 192 -2.86 -18.03 -12.04
CA GLU A 192 -3.92 -18.82 -12.67
C GLU A 192 -3.61 -19.34 -14.07
N ASN A 193 -2.62 -18.76 -14.75
CA ASN A 193 -2.27 -19.19 -16.10
C ASN A 193 -1.04 -20.09 -16.20
N ASN A 194 -0.37 -20.33 -15.08
CA ASN A 194 0.85 -21.14 -15.10
C ASN A 194 0.85 -22.20 -14.00
N LYS A 195 0.83 -23.47 -14.41
CA LYS A 195 0.80 -24.59 -13.44
C LYS A 195 2.05 -24.60 -12.58
N GLY A 196 1.83 -24.65 -11.27
CA GLY A 196 2.90 -24.66 -10.30
C GLY A 196 3.48 -23.30 -9.96
N ALA A 197 2.94 -22.25 -10.58
CA ALA A 197 3.42 -20.88 -10.37
C ALA A 197 3.16 -20.35 -8.98
N ARG A 198 4.23 -19.86 -8.36
CA ARG A 198 4.17 -19.27 -7.03
C ARG A 198 4.74 -17.87 -7.18
N VAL A 199 3.85 -16.89 -7.07
CA VAL A 199 4.19 -15.48 -7.24
C VAL A 199 4.53 -14.76 -5.96
N LEU A 200 5.73 -14.19 -5.90
CA LEU A 200 6.13 -13.38 -4.76
C LEU A 200 5.69 -11.98 -5.16
N VAL A 201 4.85 -11.39 -4.32
CA VAL A 201 4.34 -10.06 -4.53
C VAL A 201 5.03 -9.23 -3.47
N ALA A 202 5.53 -8.05 -3.86
CA ALA A 202 6.19 -7.15 -2.92
C ALA A 202 5.87 -5.69 -3.21
N CYS A 203 5.42 -4.99 -2.19
CA CYS A 203 5.13 -3.57 -2.30
C CYS A 203 5.95 -2.93 -1.23
N SER A 204 6.80 -1.98 -1.63
CA SER A 204 7.67 -1.30 -0.68
C SER A 204 7.72 0.19 -0.91
N GLU A 205 7.45 0.95 0.14
CA GLU A 205 7.46 2.40 0.03
C GLU A 205 8.30 3.05 1.12
N VAL A 206 9.22 3.91 0.66
CA VAL A 206 10.13 4.70 1.53
C VAL A 206 9.92 6.16 1.08
N THR A 207 9.51 7.02 2.02
CA THR A 207 9.22 8.43 1.74
C THR A 207 10.35 9.40 1.34
N ALA A 208 11.46 8.86 0.86
CA ALA A 208 12.62 9.64 0.44
C ALA A 208 12.34 10.66 -0.67
N VAL A 209 11.58 10.22 -1.70
CA VAL A 209 11.25 11.09 -2.83
C VAL A 209 10.11 12.09 -2.60
N THR A 210 9.18 11.73 -1.71
CA THR A 210 8.03 12.59 -1.41
C THR A 210 8.25 13.59 -0.29
N PHE A 211 9.30 13.39 0.52
CA PHE A 211 9.64 14.28 1.64
C PHE A 211 9.70 15.72 1.12
N ARG A 212 8.82 16.54 1.65
CA ARG A 212 8.73 17.92 1.21
C ARG A 212 8.76 18.88 2.37
N ALA A 213 9.62 19.90 2.25
CA ALA A 213 9.75 20.95 3.25
C ALA A 213 8.40 21.71 3.26
N PRO A 214 7.94 22.16 4.45
CA PRO A 214 6.67 22.88 4.53
C PRO A 214 6.67 24.25 3.87
N SER A 215 5.60 24.51 3.11
CA SER A 215 5.43 25.76 2.41
C SER A 215 4.04 26.30 2.65
N GLU A 216 3.97 27.63 2.81
CA GLU A 216 2.73 28.37 3.04
C GLU A 216 1.85 28.27 1.79
N THR A 217 2.49 28.00 0.66
CA THR A 217 1.85 27.89 -0.64
C THR A 217 1.70 26.47 -1.20
N HIS A 218 1.80 25.46 -0.34
CA HIS A 218 1.64 24.07 -0.76
C HIS A 218 1.00 23.22 0.35
N LEU A 219 -0.33 23.33 0.45
CA LEU A 219 -1.11 22.59 1.44
C LEU A 219 -1.09 21.09 1.17
N ASP A 220 -0.95 20.71 -0.11
CA ASP A 220 -0.86 19.29 -0.52
C ASP A 220 0.41 18.67 0.05
N GLY A 221 1.46 19.49 0.15
CA GLY A 221 2.74 19.08 0.70
C GLY A 221 2.62 18.80 2.18
N LEU A 222 1.80 19.61 2.87
CA LEU A 222 1.56 19.44 4.31
C LEU A 222 0.72 18.18 4.56
N VAL A 223 -0.24 17.91 3.67
CA VAL A 223 -1.11 16.74 3.77
C VAL A 223 -0.26 15.47 3.61
N GLY A 224 0.62 15.47 2.59
CA GLY A 224 1.49 14.33 2.34
C GLY A 224 2.51 14.11 3.43
N SER A 225 3.01 15.21 4.00
CA SER A 225 3.99 15.17 5.09
C SER A 225 3.38 14.65 6.39
N ALA A 226 2.06 14.77 6.50
CA ALA A 226 1.31 14.30 7.65
C ALA A 226 0.79 12.89 7.45
N LEU A 227 0.62 12.48 6.19
CA LEU A 227 0.08 11.16 5.88
C LEU A 227 1.04 10.03 5.52
N PHE A 228 1.93 10.29 4.58
CA PHE A 228 2.88 9.29 4.08
C PHE A 228 3.88 8.67 5.05
N GLY A 229 3.85 7.34 5.13
CA GLY A 229 4.74 6.59 5.99
C GLY A 229 5.49 5.52 5.23
N ASP A 230 6.43 4.86 5.91
CA ASP A 230 7.22 3.82 5.26
C ASP A 230 6.77 2.44 5.67
N GLY A 231 6.85 1.52 4.71
CA GLY A 231 6.48 0.15 4.97
C GLY A 231 6.57 -0.72 3.74
N ALA A 232 6.66 -2.02 3.99
CA ALA A 232 6.72 -3.00 2.93
C ALA A 232 5.85 -4.18 3.28
N ALA A 233 5.21 -4.72 2.26
CA ALA A 233 4.35 -5.88 2.42
C ALA A 233 4.66 -6.84 1.30
N ALA A 234 4.69 -8.11 1.66
CA ALA A 234 4.96 -9.15 0.68
C ALA A 234 4.06 -10.33 0.87
N LEU A 235 3.64 -10.90 -0.24
CA LEU A 235 2.78 -12.06 -0.21
C LEU A 235 3.11 -13.11 -1.26
N ILE A 236 2.68 -14.33 -0.98
CA ILE A 236 2.89 -15.45 -1.91
C ILE A 236 1.51 -15.73 -2.45
N VAL A 237 1.39 -15.69 -3.78
CA VAL A 237 0.15 -15.95 -4.46
C VAL A 237 0.34 -17.15 -5.38
N GLY A 238 -0.63 -18.05 -5.35
CA GLY A 238 -0.56 -19.24 -6.19
C GLY A 238 -1.88 -19.96 -6.27
N SER A 239 -2.13 -20.58 -7.42
CA SER A 239 -3.34 -21.36 -7.63
C SER A 239 -3.03 -22.81 -7.24
N ASP A 240 -4.10 -23.57 -6.96
CA ASP A 240 -4.03 -24.97 -6.54
C ASP A 240 -3.06 -25.23 -5.38
N PRO A 241 -3.45 -24.81 -4.15
CA PRO A 241 -2.61 -25.01 -2.97
C PRO A 241 -2.33 -26.48 -2.71
N VAL A 242 -1.09 -26.79 -2.34
CA VAL A 242 -0.67 -28.15 -2.06
C VAL A 242 -1.21 -28.50 -0.65
N PRO A 243 -2.07 -29.55 -0.54
CA PRO A 243 -2.65 -29.95 0.75
C PRO A 243 -1.62 -30.37 1.81
N GLN A 244 -1.88 -29.94 3.05
CA GLN A 244 -1.04 -30.19 4.24
C GLN A 244 0.38 -29.60 4.18
N GLU A 245 0.60 -28.71 3.21
CA GLU A 245 1.89 -28.03 2.99
C GLU A 245 1.70 -26.52 3.01
N GLU A 246 0.74 -26.05 2.22
CA GLU A 246 0.42 -24.62 2.12
C GLU A 246 -0.89 -24.31 2.81
N LYS A 247 -0.96 -23.12 3.42
CA LYS A 247 -2.14 -22.67 4.15
C LYS A 247 -2.81 -21.48 3.44
N PRO A 248 -3.94 -21.73 2.76
CA PRO A 248 -4.70 -20.71 2.03
C PRO A 248 -5.29 -19.65 2.97
N LEU A 249 -5.07 -18.38 2.63
CA LEU A 249 -5.58 -17.26 3.43
C LEU A 249 -6.74 -16.55 2.79
N PHE A 250 -6.57 -16.15 1.52
CA PHE A 250 -7.62 -15.46 0.75
C PHE A 250 -7.54 -15.90 -0.71
N GLU A 251 -8.70 -16.05 -1.35
CA GLU A 251 -8.76 -16.43 -2.77
C GLU A 251 -9.14 -15.18 -3.57
N ILE A 252 -8.51 -14.98 -4.73
CA ILE A 252 -8.84 -13.83 -5.58
C ILE A 252 -9.81 -14.33 -6.66
N HIS A 253 -11.01 -13.77 -6.68
CA HIS A 253 -12.04 -14.17 -7.63
C HIS A 253 -12.32 -13.21 -8.78
N TRP A 254 -12.09 -11.92 -8.56
CA TRP A 254 -12.29 -10.90 -9.58
C TRP A 254 -11.28 -9.80 -9.30
N ALA A 255 -10.78 -9.20 -10.37
CA ALA A 255 -9.82 -8.11 -10.29
C ALA A 255 -10.08 -7.17 -11.44
N GLY A 256 -10.10 -5.88 -11.15
CA GLY A 256 -10.32 -4.89 -12.18
C GLY A 256 -10.14 -3.50 -11.65
N GLU A 257 -10.41 -2.52 -12.49
CA GLU A 257 -10.24 -1.13 -12.13
C GLU A 257 -11.21 -0.23 -12.85
N ALA A 258 -11.20 1.05 -12.46
CA ALA A 258 -12.07 2.04 -13.05
C ALA A 258 -11.51 3.44 -12.89
N VAL A 259 -11.53 4.20 -13.99
CA VAL A 259 -11.12 5.59 -13.99
C VAL A 259 -12.45 6.28 -13.71
N LEU A 260 -12.49 7.05 -12.64
CA LEU A 260 -13.70 7.74 -12.22
C LEU A 260 -14.13 8.89 -13.13
N PRO A 261 -15.45 9.04 -13.38
CA PRO A 261 -15.96 10.12 -14.23
C PRO A 261 -15.67 11.48 -13.61
N ASP A 262 -15.34 12.45 -14.47
CA ASP A 262 -15.02 13.84 -14.10
C ASP A 262 -13.94 13.98 -13.01
N SER A 263 -12.92 13.12 -13.11
CA SER A 263 -11.83 13.12 -12.15
C SER A 263 -10.46 13.36 -12.79
N ASP A 264 -10.45 14.06 -13.92
CA ASP A 264 -9.20 14.36 -14.63
C ASP A 264 -8.30 15.28 -13.79
N GLY A 265 -7.06 14.82 -13.59
CA GLY A 265 -6.07 15.56 -12.82
C GLY A 265 -6.33 15.62 -11.33
N ALA A 266 -7.14 14.68 -10.81
CA ALA A 266 -7.46 14.62 -9.38
C ALA A 266 -6.24 14.34 -8.50
N ILE A 267 -5.44 13.36 -8.91
CA ILE A 267 -4.22 13.00 -8.18
C ILE A 267 -3.09 12.95 -9.22
N ASN A 268 -2.21 13.95 -9.16
CA ASN A 268 -1.08 14.04 -10.07
C ASN A 268 0.23 13.90 -9.31
N GLY A 269 1.21 13.25 -9.93
CA GLY A 269 2.51 13.04 -9.31
C GLY A 269 3.56 13.17 -10.38
N HIS A 270 4.55 14.05 -10.15
CA HIS A 270 5.60 14.29 -11.13
C HIS A 270 6.97 14.10 -10.51
N LEU A 271 7.80 13.28 -11.16
CA LEU A 271 9.16 13.06 -10.66
C LEU A 271 10.02 14.13 -11.32
N ARG A 272 10.36 15.13 -10.51
CA ARG A 272 11.14 16.28 -10.96
C ARG A 272 12.52 16.32 -10.32
N GLU A 273 13.26 17.38 -10.61
CA GLU A 273 14.60 17.63 -10.07
C GLU A 273 14.57 17.82 -8.56
N ALA A 274 13.41 18.23 -8.06
CA ALA A 274 13.20 18.45 -6.63
C ALA A 274 12.61 17.22 -5.94
N GLY A 275 12.40 16.16 -6.71
CA GLY A 275 11.83 14.93 -6.18
C GLY A 275 10.42 14.69 -6.70
N LEU A 276 9.64 13.90 -5.98
CA LEU A 276 8.27 13.60 -6.38
C LEU A 276 7.31 14.65 -5.86
N ILE A 277 6.88 15.52 -6.79
CA ILE A 277 5.96 16.61 -6.50
C ILE A 277 4.55 16.12 -6.86
N PHE A 278 3.66 16.18 -5.88
CA PHE A 278 2.29 15.74 -6.06
C PHE A 278 1.27 16.86 -5.84
N HIS A 279 0.12 16.73 -6.50
CA HIS A 279 -0.98 17.68 -6.39
C HIS A 279 -2.27 16.88 -6.29
N LEU A 280 -2.95 17.05 -5.15
CA LEU A 280 -4.20 16.37 -4.87
C LEU A 280 -5.32 17.40 -4.82
N LEU A 281 -6.26 17.33 -5.77
CA LEU A 281 -7.39 18.26 -5.80
C LEU A 281 -8.30 17.95 -4.61
N LYS A 282 -8.81 19.00 -3.96
CA LYS A 282 -9.67 18.91 -2.78
C LYS A 282 -10.86 17.96 -2.87
N ASP A 283 -11.28 17.66 -4.10
CA ASP A 283 -12.41 16.79 -4.38
C ASP A 283 -12.15 15.29 -4.41
N VAL A 284 -10.90 14.87 -4.13
CA VAL A 284 -10.52 13.46 -4.14
C VAL A 284 -11.39 12.50 -3.30
N PRO A 285 -11.60 12.76 -1.98
CA PRO A 285 -12.45 11.80 -1.25
C PRO A 285 -13.92 11.77 -1.72
N GLY A 286 -14.39 12.93 -2.19
CA GLY A 286 -15.75 13.07 -2.69
C GLY A 286 -15.95 12.31 -4.00
N LEU A 287 -14.94 12.33 -4.87
CA LEU A 287 -14.96 11.64 -6.16
C LEU A 287 -15.00 10.13 -5.96
N ILE A 288 -14.25 9.67 -4.96
CA ILE A 288 -14.18 8.26 -4.60
C ILE A 288 -15.51 7.75 -4.04
N SER A 289 -16.07 8.49 -3.08
N SER A 289 -16.09 8.50 -3.10
CA SER A 289 -17.33 8.13 -2.43
CA SER A 289 -17.34 8.14 -2.45
C SER A 289 -18.57 8.21 -3.33
C SER A 289 -18.59 8.21 -3.32
N LYS A 290 -18.60 9.18 -4.24
CA LYS A 290 -19.74 9.37 -5.17
C LYS A 290 -19.82 8.22 -6.19
N ASN A 291 -18.65 7.65 -6.51
CA ASN A 291 -18.54 6.57 -7.48
C ASN A 291 -18.29 5.15 -6.97
N ILE A 292 -17.97 5.00 -5.67
CA ILE A 292 -17.66 3.68 -5.10
C ILE A 292 -18.71 2.58 -5.31
N ASP A 293 -19.99 2.92 -5.18
CA ASP A 293 -21.08 1.95 -5.38
C ASP A 293 -21.11 1.42 -6.82
N LYS A 294 -20.86 2.33 -7.78
CA LYS A 294 -20.83 2.02 -9.21
C LYS A 294 -19.59 1.20 -9.59
N VAL A 295 -18.47 1.51 -8.94
CA VAL A 295 -17.18 0.82 -9.16
C VAL A 295 -17.28 -0.63 -8.69
N LEU A 296 -17.99 -0.82 -7.58
CA LEU A 296 -18.19 -2.15 -7.01
C LEU A 296 -19.30 -2.95 -7.69
N ALA A 297 -19.99 -2.36 -8.67
CA ALA A 297 -21.09 -3.01 -9.39
C ALA A 297 -20.76 -4.35 -10.07
N GLU A 298 -19.66 -4.39 -10.84
CA GLU A 298 -19.25 -5.61 -11.55
C GLU A 298 -18.86 -6.79 -10.62
N PRO A 299 -18.03 -6.57 -9.56
CA PRO A 299 -17.74 -7.73 -8.72
C PRO A 299 -18.90 -8.17 -7.83
N LEU A 300 -19.80 -7.24 -7.51
CA LEU A 300 -20.97 -7.57 -6.69
C LEU A 300 -21.96 -8.47 -7.43
N GLU A 301 -22.16 -8.22 -8.73
CA GLU A 301 -23.08 -9.04 -9.55
C GLU A 301 -22.54 -10.43 -9.87
N TYR A 302 -21.22 -10.56 -9.73
CA TYR A 302 -20.49 -11.80 -9.95
C TYR A 302 -20.83 -12.76 -8.80
N VAL A 303 -21.08 -12.19 -7.62
CA VAL A 303 -21.43 -12.95 -6.43
C VAL A 303 -22.83 -12.67 -5.86
N HIS A 304 -23.73 -12.28 -6.78
CA HIS A 304 -25.14 -12.00 -6.49
C HIS A 304 -25.50 -10.94 -5.43
N PHE A 305 -24.84 -9.79 -5.53
CA PHE A 305 -25.02 -8.63 -4.64
C PHE A 305 -25.18 -8.87 -3.13
N PRO A 306 -24.12 -9.36 -2.45
CA PRO A 306 -24.24 -9.59 -1.00
C PRO A 306 -24.28 -8.25 -0.26
N SER A 307 -24.84 -8.27 0.96
CA SER A 307 -24.94 -7.06 1.76
C SER A 307 -23.54 -6.54 2.10
N TYR A 308 -23.36 -5.23 1.99
CA TYR A 308 -22.08 -4.57 2.27
C TYR A 308 -21.55 -4.88 3.67
N ASN A 309 -22.47 -5.05 4.62
CA ASN A 309 -22.14 -5.36 6.00
C ASN A 309 -21.87 -6.85 6.25
N ASP A 310 -22.03 -7.66 5.19
CA ASP A 310 -21.76 -9.09 5.25
C ASP A 310 -20.43 -9.38 4.53
N MET A 311 -19.68 -8.31 4.24
CA MET A 311 -18.39 -8.38 3.54
C MET A 311 -17.23 -7.79 4.33
N PHE A 312 -16.00 -8.29 4.13
CA PHE A 312 -14.83 -7.71 4.81
C PHE A 312 -14.21 -6.62 3.91
N TRP A 313 -13.63 -5.61 4.54
CA TRP A 313 -13.09 -4.47 3.82
C TRP A 313 -11.62 -4.13 3.99
N ALA A 314 -10.86 -4.34 2.92
CA ALA A 314 -9.44 -4.02 2.91
C ALA A 314 -9.31 -2.79 2.02
N VAL A 315 -9.68 -1.65 2.57
CA VAL A 315 -9.67 -0.39 1.86
C VAL A 315 -8.36 0.35 2.15
N HIS A 316 -7.74 0.89 1.10
CA HIS A 316 -6.50 1.65 1.22
C HIS A 316 -6.73 2.89 2.11
N PRO A 317 -5.97 3.00 3.23
CA PRO A 317 -6.08 4.13 4.16
C PRO A 317 -5.29 5.33 3.62
N GLY A 318 -5.84 5.98 2.59
CA GLY A 318 -5.22 7.14 1.97
C GLY A 318 -5.19 8.31 2.93
N GLY A 319 -6.28 8.44 3.67
CA GLY A 319 -6.47 9.48 4.65
C GLY A 319 -7.75 9.17 5.40
N PRO A 320 -8.06 9.88 6.51
CA PRO A 320 -9.28 9.63 7.28
C PRO A 320 -10.56 9.98 6.53
N ALA A 321 -10.50 11.01 5.69
CA ALA A 321 -11.64 11.49 4.91
C ALA A 321 -12.15 10.47 3.89
N ILE A 322 -11.24 9.74 3.26
CA ILE A 322 -11.59 8.71 2.27
C ILE A 322 -12.34 7.56 2.95
N LEU A 323 -11.83 7.12 4.11
CA LEU A 323 -12.43 6.04 4.89
C LEU A 323 -13.78 6.42 5.47
N ASP A 324 -13.88 7.65 5.99
CA ASP A 324 -15.11 8.19 6.59
C ASP A 324 -16.24 8.32 5.59
N GLN A 325 -15.91 8.85 4.41
CA GLN A 325 -16.88 9.05 3.35
C GLN A 325 -17.38 7.79 2.65
N ILE A 326 -16.55 6.76 2.53
CA ILE A 326 -16.97 5.49 1.91
C ILE A 326 -17.90 4.76 2.90
N GLU A 327 -17.52 4.83 4.17
CA GLU A 327 -18.28 4.22 5.28
C GLU A 327 -19.69 4.81 5.37
N ALA A 328 -19.77 6.13 5.21
CA ALA A 328 -21.03 6.86 5.27
C ALA A 328 -21.89 6.68 4.03
N LYS A 329 -21.27 6.66 2.85
CA LYS A 329 -21.98 6.50 1.58
C LYS A 329 -22.60 5.11 1.40
N LEU A 330 -21.83 4.08 1.75
CA LEU A 330 -22.28 2.69 1.63
C LEU A 330 -23.05 2.20 2.85
N GLY A 331 -23.13 3.04 3.88
CA GLY A 331 -23.85 2.71 5.10
C GLY A 331 -23.24 1.56 5.90
N LEU A 332 -21.91 1.50 5.87
CA LEU A 332 -21.15 0.47 6.57
C LEU A 332 -21.15 0.70 8.08
N SER A 333 -21.20 -0.39 8.84
CA SER A 333 -21.14 -0.32 10.29
C SER A 333 -19.69 0.03 10.62
N THR A 334 -19.47 0.75 11.71
CA THR A 334 -18.15 1.22 12.13
C THR A 334 -16.99 0.23 12.22
N ASP A 335 -17.29 -1.05 12.45
CA ASP A 335 -16.27 -2.09 12.55
C ASP A 335 -15.63 -2.53 11.23
N LYS A 336 -16.32 -2.25 10.11
CA LYS A 336 -15.85 -2.65 8.79
C LYS A 336 -14.52 -2.01 8.39
N MET A 337 -14.43 -0.71 8.63
CA MET A 337 -13.24 0.08 8.31
C MET A 337 -12.20 0.07 9.41
N GLN A 338 -12.41 -0.74 10.46
CA GLN A 338 -11.48 -0.79 11.59
C GLN A 338 -10.06 -1.25 11.28
N ALA A 339 -9.92 -2.31 10.50
CA ALA A 339 -8.61 -2.82 10.12
C ALA A 339 -7.86 -1.77 9.30
N SER A 340 -8.60 -1.07 8.43
CA SER A 340 -8.05 0.01 7.60
C SER A 340 -7.63 1.18 8.47
N ARG A 341 -8.45 1.50 9.47
CA ARG A 341 -8.17 2.60 10.40
C ARG A 341 -7.02 2.27 11.35
N ASP A 342 -6.88 1.00 11.70
CA ASP A 342 -5.82 0.52 12.58
C ASP A 342 -4.45 0.62 11.90
N VAL A 343 -4.43 0.33 10.60
CA VAL A 343 -3.20 0.40 9.80
C VAL A 343 -2.80 1.86 9.66
N LEU A 344 -3.80 2.73 9.44
CA LEU A 344 -3.59 4.18 9.32
C LEU A 344 -3.03 4.72 10.63
N ALA A 345 -3.59 4.26 11.75
CA ALA A 345 -3.17 4.66 13.09
C ALA A 345 -1.74 4.25 13.43
N SER A 346 -1.37 3.02 13.05
CA SER A 346 -0.05 2.48 13.34
C SER A 346 1.07 2.81 12.37
N TYR A 347 0.75 2.97 11.08
CA TYR A 347 1.81 3.18 10.08
C TYR A 347 1.59 4.32 9.11
N GLY A 348 0.41 4.93 9.15
CA GLY A 348 0.08 6.00 8.23
C GLY A 348 -0.26 5.45 6.86
N ASN A 349 -0.08 6.28 5.84
CA ASN A 349 -0.35 5.91 4.46
C ASN A 349 0.99 5.46 3.84
N MET A 350 1.15 4.15 3.71
CA MET A 350 2.37 3.57 3.14
C MET A 350 2.16 3.22 1.67
N SER A 351 1.32 4.03 1.00
CA SER A 351 0.97 3.88 -0.42
C SER A 351 0.58 2.43 -0.80
N SER A 352 1.26 1.83 -1.78
CA SER A 352 0.98 0.47 -2.24
C SER A 352 0.91 -0.63 -1.16
N ALA A 353 1.80 -0.56 -0.18
CA ALA A 353 1.86 -1.55 0.90
C ALA A 353 0.68 -1.59 1.87
N SER A 354 0.06 -0.43 2.10
CA SER A 354 -1.05 -0.26 3.03
C SER A 354 -2.20 -1.25 3.01
N VAL A 355 -2.77 -1.47 1.82
CA VAL A 355 -3.91 -2.38 1.65
C VAL A 355 -3.56 -3.85 1.96
N LEU A 356 -2.29 -4.19 1.83
CA LEU A 356 -1.80 -5.53 2.10
C LEU A 356 -1.56 -5.70 3.60
N PHE A 357 -1.27 -4.58 4.28
CA PHE A 357 -1.09 -4.55 5.73
C PHE A 357 -2.49 -4.72 6.34
N VAL A 358 -3.49 -4.14 5.66
CA VAL A 358 -4.89 -4.22 6.10
C VAL A 358 -5.38 -5.67 6.00
N LEU A 359 -5.02 -6.34 4.89
CA LEU A 359 -5.38 -7.74 4.67
C LEU A 359 -4.75 -8.64 5.71
N ASP A 360 -3.52 -8.30 6.10
CA ASP A 360 -2.76 -9.02 7.11
C ASP A 360 -3.42 -8.83 8.46
N GLN A 361 -3.85 -7.61 8.75
CA GLN A 361 -4.51 -7.29 10.01
C GLN A 361 -5.88 -7.97 10.11
N ILE A 362 -6.57 -8.11 8.97
CA ILE A 362 -7.88 -8.76 8.89
C ILE A 362 -7.70 -10.25 9.25
N ARG A 363 -6.70 -10.91 8.66
CA ARG A 363 -6.46 -12.33 8.96
C ARG A 363 -5.90 -12.55 10.37
N LYS A 364 -5.10 -11.61 10.86
CA LYS A 364 -4.52 -11.69 12.21
C LYS A 364 -5.62 -11.57 13.26
N ASN A 365 -6.55 -10.62 13.05
CA ASN A 365 -7.70 -10.40 13.96
C ASN A 365 -8.58 -11.65 13.97
N SER A 366 -8.69 -12.29 12.80
CA SER A 366 -9.49 -13.50 12.63
C SER A 366 -8.91 -14.71 13.34
N GLU A 367 -7.58 -14.82 13.33
CA GLU A 367 -6.87 -15.91 13.98
C GLU A 367 -6.84 -15.69 15.49
N GLU A 368 -6.70 -14.42 15.89
CA GLU A 368 -6.66 -14.02 17.31
C GLU A 368 -8.01 -14.24 17.98
N LEU A 369 -9.09 -13.85 17.30
CA LEU A 369 -10.45 -13.96 17.82
C LEU A 369 -11.16 -15.29 17.52
N HIS A 370 -10.43 -16.22 16.89
CA HIS A 370 -10.94 -17.54 16.50
C HIS A 370 -12.26 -17.48 15.70
N LEU A 371 -12.30 -16.54 14.76
CA LEU A 371 -13.43 -16.28 13.89
C LEU A 371 -13.63 -17.40 12.84
N PRO A 372 -14.86 -17.59 12.30
CA PRO A 372 -15.10 -18.65 11.30
C PRO A 372 -14.28 -18.56 10.03
N THR A 373 -14.01 -17.34 9.57
CA THR A 373 -13.22 -17.14 8.36
C THR A 373 -12.03 -16.20 8.57
N THR A 374 -11.11 -16.20 7.61
CA THR A 374 -9.91 -15.34 7.64
C THR A 374 -10.28 -13.88 7.34
N GLY A 375 -11.50 -13.68 6.86
CA GLY A 375 -11.99 -12.35 6.55
C GLY A 375 -12.97 -11.86 7.60
N GLU A 376 -12.54 -11.92 8.86
CA GLU A 376 -13.31 -11.50 10.04
C GLU A 376 -14.72 -12.09 10.16
N GLY A 377 -14.82 -13.37 9.80
CA GLY A 377 -16.08 -14.11 9.86
C GLY A 377 -16.94 -14.00 8.62
N PHE A 378 -16.57 -13.07 7.72
CA PHE A 378 -17.30 -12.83 6.48
C PHE A 378 -16.76 -13.65 5.31
N GLU A 379 -17.64 -13.95 4.36
CA GLU A 379 -17.30 -14.76 3.19
C GLU A 379 -16.58 -14.01 2.08
N TRP A 380 -17.23 -12.98 1.54
CA TRP A 380 -16.66 -12.19 0.45
C TRP A 380 -16.11 -10.86 0.94
N GLY A 381 -15.16 -10.30 0.21
CA GLY A 381 -14.57 -9.03 0.60
C GLY A 381 -13.88 -8.28 -0.50
N PHE A 382 -13.55 -7.03 -0.20
CA PHE A 382 -12.90 -6.15 -1.17
C PHE A 382 -11.54 -5.60 -0.76
N VAL A 383 -10.66 -5.54 -1.75
CA VAL A 383 -9.34 -4.96 -1.60
C VAL A 383 -9.48 -3.78 -2.56
N ILE A 384 -9.52 -2.57 -2.01
CA ILE A 384 -9.69 -1.36 -2.81
C ILE A 384 -8.51 -0.40 -2.67
N GLY A 385 -7.94 -0.04 -3.81
CA GLY A 385 -6.82 0.89 -3.86
C GLY A 385 -7.25 2.11 -4.65
N PHE A 386 -6.67 3.27 -4.36
CA PHE A 386 -7.01 4.53 -5.03
C PHE A 386 -5.76 5.25 -5.46
N GLY A 387 -5.84 6.05 -6.51
CA GLY A 387 -4.68 6.77 -6.94
C GLY A 387 -4.86 7.54 -8.22
N PRO A 388 -3.75 7.98 -8.87
CA PRO A 388 -3.75 8.73 -10.12
C PRO A 388 -4.65 8.22 -11.24
N GLY A 389 -5.51 9.12 -11.73
CA GLY A 389 -6.45 8.79 -12.79
C GLY A 389 -7.72 9.64 -12.86
N LEU A 390 -8.61 9.66 -11.86
CA LEU A 390 -8.51 8.92 -10.59
C LEU A 390 -8.85 7.45 -10.77
N THR A 391 -7.87 6.60 -10.52
CA THR A 391 -8.03 5.16 -10.67
C THR A 391 -8.39 4.51 -9.34
N VAL A 392 -9.42 3.68 -9.38
CA VAL A 392 -9.84 2.91 -8.23
C VAL A 392 -9.67 1.46 -8.68
N GLU A 393 -8.75 0.75 -8.03
CA GLU A 393 -8.50 -0.66 -8.32
C GLU A 393 -9.19 -1.51 -7.28
N THR A 394 -9.99 -2.47 -7.74
CA THR A 394 -10.75 -3.34 -6.84
C THR A 394 -10.55 -4.82 -7.13
N LEU A 395 -10.47 -5.60 -6.05
CA LEU A 395 -10.37 -7.05 -6.13
C LEU A 395 -11.41 -7.63 -5.22
N LEU A 396 -12.06 -8.69 -5.69
CA LEU A 396 -13.05 -9.39 -4.90
C LEU A 396 -12.34 -10.63 -4.37
N LEU A 397 -12.33 -10.76 -3.04
CA LEU A 397 -11.69 -11.89 -2.41
C LEU A 397 -12.66 -12.74 -1.64
N ARG A 398 -12.34 -14.02 -1.53
CA ARG A 398 -13.13 -14.95 -0.74
C ARG A 398 -12.19 -15.36 0.36
N SER A 399 -12.70 -15.37 1.58
CA SER A 399 -11.93 -15.77 2.74
C SER A 399 -11.89 -17.30 2.81
N ILE A 400 -11.06 -17.82 3.70
CA ILE A 400 -10.93 -19.26 3.90
C ILE A 400 -11.43 -19.57 5.31
N ASN A 401 -12.23 -20.64 5.40
CA ASN A 401 -12.78 -21.11 6.67
C ASN A 401 -11.70 -21.67 7.59
N ILE A 402 -11.68 -21.19 8.83
CA ILE A 402 -10.71 -21.65 9.84
C ILE A 402 -11.41 -22.13 11.12
#